data_8GY0
#
_entry.id   8GY0
#
_cell.length_a   69.925
_cell.length_b   80.665
_cell.length_c   69.906
_cell.angle_alpha   90.000
_cell.angle_beta   96.050
_cell.angle_gamma   90.000
#
_symmetry.space_group_name_H-M   'P 1 21 1'
#
loop_
_entity.id
_entity.type
_entity.pdbx_description
1 polymer 'Terpene synthase'
2 water water
#
_entity_poly.entity_id   1
_entity_poly.type   'polypeptide(L)'
_entity_poly.pdbx_seq_one_letter_code
;MSSQIYIPDLLITWPWQKVRNPLLQEVQDEANEWVKSFVLFEPEQFEKFKACDFNLLGALVGPLGTKEELRISCDLMNFY
FAFDEYTDLASADEAKVIARDVMESFRHTDKPSHNKITEMARQFFERTINTVGNDPTGIEQFIADFDAYTTSIIQEADDR
ASGHIRSVEDYFILRRDTCGGKPSFSFFGLGLNIPKEVFAHPMFISMTESATDLIAITNDMHSYNLEQSRGLDGHNVITA
IMHEYKINLQGALYWLSGYATKTIAKFISDRKNLPSWGPVVDRAVEQYFDRVGRCVRGYDAWSYETKRYYGKNGLEIQKT
RQITL
;
_entity_poly.pdbx_strand_id   B,A
#
# COMPACT_ATOMS: atom_id res chain seq x y z
N ILE A 5 8.60 25.87 -5.33
CA ILE A 5 8.26 24.51 -4.81
C ILE A 5 6.80 24.24 -5.11
N TYR A 6 6.48 23.06 -5.68
CA TYR A 6 5.09 22.60 -5.93
C TYR A 6 4.71 21.57 -4.86
N ILE A 7 3.65 21.85 -4.11
CA ILE A 7 3.12 21.03 -3.00
C ILE A 7 1.92 20.25 -3.51
N PRO A 8 2.05 18.93 -3.69
CA PRO A 8 0.92 18.12 -4.15
C PRO A 8 -0.15 18.03 -3.06
N ASP A 9 -1.39 17.82 -3.49
CA ASP A 9 -2.55 17.48 -2.64
C ASP A 9 -2.55 15.97 -2.40
N LEU A 10 -2.07 15.52 -1.22
CA LEU A 10 -1.92 14.07 -0.92
C LEU A 10 -3.28 13.38 -0.87
N LEU A 11 -4.37 14.12 -0.65
CA LEU A 11 -5.73 13.52 -0.53
C LEU A 11 -6.60 13.78 -1.77
N ILE A 12 -5.99 14.15 -2.92
CA ILE A 12 -6.74 14.39 -4.20
C ILE A 12 -7.58 13.16 -4.53
N THR A 13 -7.13 11.95 -4.21
CA THR A 13 -7.84 10.68 -4.53
C THR A 13 -8.68 10.20 -3.33
N TRP A 14 -8.71 10.95 -2.24
CA TRP A 14 -9.52 10.59 -1.05
C TRP A 14 -10.96 11.07 -1.25
N PRO A 15 -11.94 10.15 -1.35
CA PRO A 15 -13.29 10.53 -1.80
C PRO A 15 -14.01 11.45 -0.81
N TRP A 16 -13.74 11.33 0.47
CA TRP A 16 -14.46 12.08 1.54
C TRP A 16 -14.09 13.52 1.37
N GLN A 17 -15.10 14.41 1.45
CA GLN A 17 -14.94 15.87 1.22
C GLN A 17 -15.09 16.60 2.56
N LYS A 18 -14.41 17.73 2.70
CA LYS A 18 -14.41 18.63 3.88
C LYS A 18 -15.82 19.19 4.17
N VAL A 19 -16.30 19.07 5.41
CA VAL A 19 -17.63 19.60 5.86
C VAL A 19 -17.48 20.08 7.32
N ARG A 20 -17.82 21.35 7.59
CA ARG A 20 -17.74 21.98 8.93
C ARG A 20 -19.07 21.79 9.64
N ASN A 21 -19.08 21.21 10.82
CA ASN A 21 -20.33 21.06 11.64
C ASN A 21 -20.90 22.47 11.80
N PRO A 22 -22.14 22.74 11.33
CA PRO A 22 -22.77 24.05 11.50
C PRO A 22 -23.02 24.46 12.97
N LEU A 23 -23.12 23.49 13.89
CA LEU A 23 -23.44 23.68 15.34
C LEU A 23 -22.22 24.23 16.11
N LEU A 24 -21.06 24.42 15.46
CA LEU A 24 -19.93 25.17 16.06
C LEU A 24 -20.44 26.57 16.39
N GLN A 25 -19.67 27.39 17.11
CA GLN A 25 -20.06 28.76 17.51
C GLN A 25 -21.24 28.69 18.49
N GLU A 26 -21.89 27.52 18.61
CA GLU A 26 -23.02 27.20 19.52
C GLU A 26 -22.57 26.25 20.65
N VAL A 27 -21.39 25.61 20.53
CA VAL A 27 -20.73 24.82 21.61
C VAL A 27 -19.29 25.33 21.84
N GLN A 28 -18.77 26.20 20.96
CA GLN A 28 -17.39 26.75 21.00
C GLN A 28 -17.05 27.46 22.33
N ASP A 29 -18.07 27.99 23.02
CA ASP A 29 -17.92 28.82 24.26
C ASP A 29 -17.85 27.91 25.50
N GLU A 30 -18.90 27.14 25.77
CA GLU A 30 -19.01 26.18 26.91
C GLU A 30 -17.90 25.12 26.81
N ALA A 31 -17.42 24.83 25.61
CA ALA A 31 -16.29 23.91 25.37
C ALA A 31 -14.99 24.56 25.82
N ASN A 32 -14.80 25.84 25.46
CA ASN A 32 -13.59 26.60 25.87
C ASN A 32 -13.67 26.97 27.36
N GLU A 33 -14.88 27.05 27.93
CA GLU A 33 -15.09 27.27 29.38
C GLU A 33 -14.51 26.05 30.11
N TRP A 34 -14.99 24.88 29.75
CA TRP A 34 -14.65 23.59 30.39
C TRP A 34 -13.13 23.45 30.55
N VAL A 35 -12.39 23.73 29.48
CA VAL A 35 -10.91 23.49 29.43
C VAL A 35 -10.22 24.45 30.40
N LYS A 36 -10.63 25.72 30.42
CA LYS A 36 -9.96 26.78 31.24
C LYS A 36 -10.14 26.44 32.72
N SER A 37 -11.28 25.84 33.09
CA SER A 37 -11.60 25.33 34.46
C SER A 37 -10.57 24.29 34.94
N PHE A 38 -9.81 23.64 34.04
CA PHE A 38 -8.82 22.58 34.36
C PHE A 38 -7.38 23.01 34.09
N VAL A 39 -7.15 23.95 33.17
CA VAL A 39 -5.80 24.47 32.85
C VAL A 39 -5.72 25.92 33.31
N LEU A 40 -4.79 26.22 34.22
CA LEU A 40 -4.40 27.61 34.57
C LEU A 40 -3.60 28.19 33.40
N PHE A 41 -4.30 28.75 32.42
CA PHE A 41 -3.69 29.32 31.19
C PHE A 41 -2.88 30.56 31.56
N GLU A 42 -1.57 30.55 31.28
CA GLU A 42 -0.73 31.77 31.31
C GLU A 42 -0.98 32.54 30.01
N PRO A 43 -0.82 33.89 29.98
CA PRO A 43 -0.69 34.62 28.73
C PRO A 43 0.48 34.06 27.89
N GLU A 44 0.27 33.92 26.57
CA GLU A 44 1.24 33.34 25.59
C GLU A 44 0.99 31.84 25.43
N GLN A 45 0.40 31.20 26.45
CA GLN A 45 -0.04 29.77 26.43
C GLN A 45 -1.48 29.70 25.94
N PHE A 46 -2.33 30.66 26.33
CA PHE A 46 -3.71 30.83 25.82
C PHE A 46 -3.68 31.21 24.32
N GLU A 47 -2.65 31.94 23.90
CA GLU A 47 -2.44 32.37 22.48
C GLU A 47 -2.37 31.11 21.61
N LYS A 48 -1.23 30.39 21.64
CA LYS A 48 -0.93 29.23 20.76
C LYS A 48 -2.02 28.16 20.89
N PHE A 49 -2.61 27.96 22.08
CA PHE A 49 -3.79 27.07 22.30
C PHE A 49 -4.92 27.46 21.32
N LYS A 50 -5.38 28.72 21.37
CA LYS A 50 -6.52 29.19 20.52
C LYS A 50 -6.05 29.47 19.08
N ALA A 51 -4.73 29.59 18.84
CA ALA A 51 -4.13 29.74 17.49
C ALA A 51 -4.02 28.37 16.80
N CYS A 52 -4.07 27.29 17.59
CA CYS A 52 -4.24 25.90 17.08
C CYS A 52 -5.70 25.71 16.66
N ASP A 53 -6.63 26.05 17.54
CA ASP A 53 -8.11 26.11 17.30
C ASP A 53 -8.70 24.68 17.27
N PHE A 54 -8.67 23.99 18.40
CA PHE A 54 -8.97 22.55 18.50
C PHE A 54 -10.48 22.30 18.33
N ASN A 55 -11.31 23.31 18.52
CA ASN A 55 -12.78 23.15 18.43
C ASN A 55 -13.21 22.99 16.96
N LEU A 56 -12.54 23.70 16.07
CA LEU A 56 -12.77 23.65 14.61
C LEU A 56 -12.47 22.22 14.17
N LEU A 57 -11.30 21.71 14.59
CA LEU A 57 -10.86 20.32 14.36
C LEU A 57 -11.99 19.35 14.75
N GLY A 58 -12.60 19.48 15.93
CA GLY A 58 -13.74 18.65 16.38
C GLY A 58 -14.92 18.73 15.40
N ALA A 59 -15.16 19.91 14.83
CA ALA A 59 -16.25 20.21 13.86
C ALA A 59 -15.92 19.63 12.48
N LEU A 60 -14.64 19.53 12.12
CA LEU A 60 -14.19 18.95 10.83
C LEU A 60 -14.12 17.42 10.87
N VAL A 61 -13.98 16.77 12.03
CA VAL A 61 -13.69 15.31 12.06
C VAL A 61 -14.84 14.57 12.75
N GLY A 62 -15.50 15.16 13.71
CA GLY A 62 -16.54 14.46 14.47
C GLY A 62 -17.79 14.22 13.61
N PRO A 63 -18.69 13.33 14.07
CA PRO A 63 -19.99 13.14 13.42
C PRO A 63 -20.74 14.48 13.27
N LEU A 64 -21.38 14.66 12.11
CA LEU A 64 -22.38 15.73 11.88
C LEU A 64 -23.68 15.27 12.53
N GLY A 65 -24.09 15.90 13.63
CA GLY A 65 -25.13 15.35 14.51
C GLY A 65 -25.63 16.39 15.48
N THR A 66 -25.99 15.98 16.69
CA THR A 66 -26.58 16.88 17.74
C THR A 66 -25.50 17.86 18.23
N LYS A 67 -25.87 18.81 19.07
CA LYS A 67 -24.93 19.82 19.63
C LYS A 67 -24.06 19.12 20.70
N GLU A 68 -24.63 18.07 21.32
CA GLU A 68 -24.02 17.23 22.39
C GLU A 68 -22.95 16.33 21.78
N GLU A 69 -23.16 15.87 20.55
CA GLU A 69 -22.14 15.04 19.84
C GLU A 69 -20.96 15.93 19.46
N LEU A 70 -21.23 17.15 18.99
CA LEU A 70 -20.11 18.07 18.66
C LEU A 70 -19.37 18.43 19.96
N ARG A 71 -20.12 18.42 21.07
CA ARG A 71 -19.60 18.66 22.44
C ARG A 71 -18.43 17.69 22.73
N ILE A 72 -18.71 16.38 22.75
CA ILE A 72 -17.72 15.32 23.05
C ILE A 72 -16.62 15.32 22.00
N SER A 73 -16.88 15.68 20.73
CA SER A 73 -15.83 15.77 19.67
C SER A 73 -14.81 16.85 20.03
N CYS A 74 -15.28 17.95 20.61
CA CYS A 74 -14.46 19.10 21.05
C CYS A 74 -13.64 18.73 22.30
N ASP A 75 -14.23 17.91 23.17
CA ASP A 75 -13.58 17.51 24.44
C ASP A 75 -12.42 16.58 24.11
N LEU A 76 -12.61 15.66 23.16
CA LEU A 76 -11.50 14.75 22.80
C LEU A 76 -10.30 15.63 22.45
N MET A 77 -10.44 16.54 21.51
CA MET A 77 -9.26 17.25 20.93
C MET A 77 -8.64 18.12 22.01
N ASN A 78 -9.49 18.65 22.87
CA ASN A 78 -9.10 19.57 23.97
C ASN A 78 -8.36 18.74 25.03
N PHE A 79 -8.94 17.59 25.40
CA PHE A 79 -8.33 16.61 26.32
C PHE A 79 -6.92 16.20 25.84
N TYR A 80 -6.71 15.90 24.55
CA TYR A 80 -5.35 15.60 24.01
C TYR A 80 -4.41 16.75 24.38
N PHE A 81 -4.86 17.99 24.24
CA PHE A 81 -4.00 19.18 24.50
C PHE A 81 -3.65 19.21 26.00
N ALA A 82 -4.69 19.16 26.83
CA ALA A 82 -4.63 19.17 28.32
C ALA A 82 -3.71 18.04 28.81
N PHE A 83 -3.85 16.84 28.26
CA PHE A 83 -3.02 15.71 28.71
C PHE A 83 -1.54 16.02 28.46
N ASP A 84 -1.18 16.56 27.28
CA ASP A 84 0.23 16.86 26.90
C ASP A 84 0.81 17.95 27.80
N GLU A 85 0.00 18.96 28.14
CA GLU A 85 0.40 20.08 29.02
C GLU A 85 0.58 19.60 30.46
N TYR A 86 -0.35 18.80 30.96
CA TYR A 86 -0.31 18.28 32.35
C TYR A 86 0.92 17.41 32.54
N THR A 87 1.42 16.76 31.48
CA THR A 87 2.54 15.78 31.57
C THR A 87 3.80 16.35 30.90
N ASP A 88 3.83 17.67 30.62
CA ASP A 88 4.92 18.34 29.85
C ASP A 88 6.27 18.18 30.59
N LEU A 89 6.35 18.62 31.84
CA LEU A 89 7.57 18.59 32.67
C LEU A 89 7.55 17.39 33.64
N ALA A 90 6.71 16.39 33.39
CA ALA A 90 6.76 15.09 34.10
C ALA A 90 7.84 14.20 33.46
N SER A 91 8.53 13.36 34.23
CA SER A 91 9.48 12.34 33.74
C SER A 91 8.73 11.23 32.99
N ALA A 92 9.46 10.33 32.32
CA ALA A 92 8.85 9.16 31.65
C ALA A 92 7.95 8.38 32.64
N ASP A 93 8.48 7.94 33.79
CA ASP A 93 7.80 6.99 34.70
C ASP A 93 6.57 7.65 35.34
N GLU A 94 6.64 8.95 35.61
CA GLU A 94 5.51 9.73 36.16
C GLU A 94 4.39 9.86 35.11
N ALA A 95 4.76 10.22 33.87
CA ALA A 95 3.86 10.30 32.69
C ALA A 95 3.13 8.96 32.50
N LYS A 96 3.80 7.82 32.60
CA LYS A 96 3.21 6.47 32.42
C LYS A 96 2.16 6.21 33.51
N VAL A 97 2.41 6.70 34.72
CA VAL A 97 1.46 6.52 35.85
C VAL A 97 0.23 7.40 35.58
N ILE A 98 0.45 8.62 35.12
CA ILE A 98 -0.63 9.60 34.84
C ILE A 98 -1.53 9.03 33.74
N ALA A 99 -0.93 8.53 32.67
CA ALA A 99 -1.63 7.88 31.54
C ALA A 99 -2.43 6.67 32.05
N ARG A 100 -1.85 5.89 32.96
CA ARG A 100 -2.52 4.69 33.50
C ARG A 100 -3.73 5.10 34.35
N ASP A 101 -3.59 6.17 35.11
CA ASP A 101 -4.69 6.72 35.95
C ASP A 101 -5.78 7.29 35.02
N VAL A 102 -5.43 8.07 34.01
CA VAL A 102 -6.39 8.53 32.98
C VAL A 102 -7.18 7.35 32.39
N MET A 103 -6.54 6.24 32.06
CA MET A 103 -7.21 5.09 31.45
C MET A 103 -8.15 4.43 32.46
N GLU A 104 -7.88 4.55 33.77
CA GLU A 104 -8.72 3.94 34.83
C GLU A 104 -10.00 4.77 34.96
N SER A 105 -9.86 6.09 34.83
CA SER A 105 -10.96 7.09 34.82
C SER A 105 -11.92 6.81 33.67
N PHE A 106 -11.41 6.44 32.49
CA PHE A 106 -12.21 6.03 31.31
C PHE A 106 -12.97 4.73 31.66
N ARG A 107 -12.26 3.73 32.18
CA ARG A 107 -12.80 2.37 32.50
C ARG A 107 -13.90 2.42 33.58
N HIS A 108 -13.77 3.28 34.58
CA HIS A 108 -14.72 3.38 35.71
C HIS A 108 -14.95 4.86 36.00
N THR A 109 -15.98 5.45 35.39
CA THR A 109 -16.38 6.88 35.52
C THR A 109 -17.17 7.11 36.83
N ASP A 110 -17.57 6.02 37.51
CA ASP A 110 -18.36 6.04 38.77
C ASP A 110 -17.42 6.36 39.95
N LYS A 111 -16.22 5.75 39.97
CA LYS A 111 -15.12 6.00 40.95
C LYS A 111 -14.68 7.47 40.89
N PRO A 112 -14.34 8.11 42.04
CA PRO A 112 -13.89 9.51 42.03
C PRO A 112 -12.42 9.65 41.59
N SER A 113 -12.04 10.84 41.09
CA SER A 113 -10.68 11.15 40.60
C SER A 113 -9.82 11.63 41.76
N HIS A 114 -8.53 11.81 41.52
CA HIS A 114 -7.59 12.29 42.57
C HIS A 114 -6.73 13.45 42.11
N ASN A 115 -6.98 14.05 40.93
CA ASN A 115 -6.21 15.24 40.47
C ASN A 115 -6.90 15.83 39.24
N LYS A 116 -6.39 16.94 38.73
CA LYS A 116 -7.02 17.73 37.64
C LYS A 116 -7.27 16.87 36.40
N ILE A 117 -6.28 16.09 35.97
CA ILE A 117 -6.30 15.43 34.63
C ILE A 117 -7.11 14.15 34.69
N THR A 118 -7.14 13.44 35.82
CA THR A 118 -8.06 12.27 36.00
C THR A 118 -9.51 12.75 36.08
N GLU A 119 -9.77 13.93 36.65
CA GLU A 119 -11.15 14.47 36.78
C GLU A 119 -11.61 14.88 35.38
N MET A 120 -10.77 15.63 34.64
CA MET A 120 -11.02 16.01 33.22
C MET A 120 -11.36 14.75 32.41
N ALA A 121 -10.51 13.75 32.45
CA ALA A 121 -10.69 12.45 31.74
C ALA A 121 -12.02 11.82 32.15
N ARG A 122 -12.40 11.91 33.42
CA ARG A 122 -13.57 11.15 33.96
C ARG A 122 -14.86 11.79 33.45
N GLN A 123 -14.92 13.12 33.53
CA GLN A 123 -16.04 13.98 33.08
C GLN A 123 -16.29 13.77 31.58
N PHE A 124 -15.23 13.91 30.78
CA PHE A 124 -15.31 13.90 29.29
C PHE A 124 -15.82 12.54 28.82
N PHE A 125 -15.31 11.45 29.38
CA PHE A 125 -15.69 10.08 28.97
C PHE A 125 -17.06 9.69 29.55
N GLU A 126 -17.43 10.22 30.71
CA GLU A 126 -18.80 10.01 31.28
C GLU A 126 -19.84 10.68 30.37
N ARG A 127 -19.55 11.91 29.94
CA ARG A 127 -20.38 12.64 28.95
C ARG A 127 -20.49 11.78 27.68
N THR A 128 -19.36 11.28 27.18
CA THR A 128 -19.27 10.54 25.90
C THR A 128 -20.20 9.34 25.95
N ILE A 129 -20.21 8.60 27.07
CA ILE A 129 -21.01 7.34 27.24
C ILE A 129 -22.49 7.69 27.49
N ASN A 130 -22.77 8.88 28.03
CA ASN A 130 -24.15 9.42 28.11
C ASN A 130 -24.66 9.58 26.67
N THR A 131 -23.98 10.42 25.87
CA THR A 131 -24.34 10.71 24.45
C THR A 131 -24.41 9.40 23.65
N VAL A 132 -23.37 8.58 23.68
CA VAL A 132 -23.09 7.53 22.66
C VAL A 132 -23.60 6.15 23.12
N GLY A 133 -23.88 5.95 24.40
CA GLY A 133 -24.39 4.67 24.94
C GLY A 133 -23.25 3.80 25.43
N ASN A 134 -23.54 2.56 25.85
CA ASN A 134 -22.54 1.60 26.37
C ASN A 134 -21.93 0.87 25.18
N ASP A 135 -20.62 0.60 25.25
CA ASP A 135 -19.90 -0.09 24.15
C ASP A 135 -18.70 -0.80 24.77
N PRO A 136 -18.92 -1.93 25.47
CA PRO A 136 -17.83 -2.64 26.11
C PRO A 136 -16.64 -2.80 25.15
N THR A 137 -16.84 -3.39 23.97
CA THR A 137 -15.74 -3.75 23.04
C THR A 137 -15.09 -2.49 22.45
N GLY A 138 -15.90 -1.50 22.14
CA GLY A 138 -15.43 -0.23 21.59
C GLY A 138 -14.59 0.47 22.62
N ILE A 139 -15.01 0.41 23.88
CA ILE A 139 -14.34 1.18 24.98
C ILE A 139 -12.97 0.57 25.18
N GLU A 140 -12.88 -0.75 25.13
CA GLU A 140 -11.60 -1.48 25.27
C GLU A 140 -10.69 -1.11 24.09
N GLN A 141 -11.22 -1.02 22.87
CA GLN A 141 -10.41 -0.68 21.68
C GLN A 141 -9.80 0.71 21.86
N PHE A 142 -10.62 1.70 22.22
CA PHE A 142 -10.20 3.09 22.48
C PHE A 142 -9.13 3.15 23.57
N ILE A 143 -9.28 2.40 24.67
CA ILE A 143 -8.31 2.52 25.79
C ILE A 143 -7.01 1.89 25.29
N ALA A 144 -7.11 0.80 24.53
CA ALA A 144 -5.91 0.14 23.97
C ALA A 144 -5.20 1.14 23.04
N ASP A 145 -5.92 1.88 22.20
CA ASP A 145 -5.33 2.87 21.27
C ASP A 145 -4.76 4.05 22.05
N PHE A 146 -5.43 4.45 23.14
CA PHE A 146 -4.98 5.60 23.96
C PHE A 146 -3.68 5.20 24.67
N ASP A 147 -3.59 3.95 25.09
CA ASP A 147 -2.36 3.39 25.73
C ASP A 147 -1.16 3.39 24.77
N ALA A 148 -1.30 2.80 23.57
CA ALA A 148 -0.25 2.84 22.54
C ALA A 148 0.13 4.30 22.18
N TYR A 149 -0.81 5.24 22.17
CA TYR A 149 -0.56 6.68 21.85
C TYR A 149 0.30 7.33 22.94
N THR A 150 -0.12 7.26 24.20
CA THR A 150 0.58 7.86 25.38
C THR A 150 1.96 7.23 25.52
N THR A 151 2.08 5.91 25.32
CA THR A 151 3.38 5.20 25.38
C THR A 151 4.30 5.83 24.32
N SER A 152 3.86 5.93 23.07
CA SER A 152 4.73 6.35 21.95
C SER A 152 5.29 7.75 22.22
N ILE A 153 4.47 8.66 22.74
CA ILE A 153 4.85 10.08 23.00
C ILE A 153 5.80 10.18 24.21
N ILE A 154 5.46 9.49 25.31
CA ILE A 154 6.27 9.47 26.57
C ILE A 154 7.66 8.90 26.25
N GLN A 155 7.76 7.89 25.38
CA GLN A 155 9.02 7.14 25.12
C GLN A 155 9.79 7.77 23.95
N GLU A 156 9.20 8.75 23.27
CA GLU A 156 9.85 9.52 22.20
C GLU A 156 10.48 10.77 22.82
N ALA A 157 9.90 11.26 23.90
CA ALA A 157 10.46 12.35 24.72
C ALA A 157 11.64 11.80 25.52
N ASP A 158 11.70 10.47 25.72
CA ASP A 158 12.78 9.74 26.45
C ASP A 158 13.94 9.48 25.50
N ASP A 159 13.66 9.44 24.18
CA ASP A 159 14.64 9.22 23.09
C ASP A 159 15.23 10.58 22.68
N ARG A 160 14.42 11.65 22.73
CA ARG A 160 14.82 13.05 22.40
C ARG A 160 16.19 13.32 23.01
N ALA A 161 16.92 14.30 22.47
CA ALA A 161 18.37 14.48 22.68
C ALA A 161 19.07 13.19 22.26
N SER A 162 19.04 12.88 20.96
CA SER A 162 19.83 11.79 20.33
C SER A 162 20.21 12.21 18.89
N GLY A 163 21.37 11.73 18.43
CA GLY A 163 22.03 12.15 17.16
C GLY A 163 21.75 11.21 16.00
N HIS A 164 20.95 10.15 16.21
CA HIS A 164 20.51 9.22 15.14
C HIS A 164 19.44 9.89 14.26
N ILE A 165 19.65 9.88 12.93
CA ILE A 165 18.65 10.33 11.91
C ILE A 165 17.71 9.14 11.66
N ARG A 166 16.40 9.29 11.91
CA ARG A 166 15.44 8.17 11.84
C ARG A 166 15.20 7.79 10.37
N SER A 167 15.18 6.50 10.03
CA SER A 167 14.89 6.02 8.67
C SER A 167 13.42 6.21 8.36
N VAL A 168 13.00 6.02 7.11
CA VAL A 168 11.58 6.21 6.70
C VAL A 168 10.71 5.15 7.42
N GLU A 169 11.14 3.89 7.44
CA GLU A 169 10.40 2.77 8.09
C GLU A 169 10.20 3.08 9.57
N ASP A 170 11.25 3.56 10.24
CA ASP A 170 11.19 3.81 11.71
C ASP A 170 10.38 5.08 11.97
N TYR A 171 10.45 6.09 11.08
CA TYR A 171 9.53 7.25 11.14
C TYR A 171 8.06 6.75 11.19
N PHE A 172 7.66 5.82 10.32
CA PHE A 172 6.23 5.43 10.24
C PHE A 172 5.86 4.62 11.50
N ILE A 173 6.68 3.64 11.88
CA ILE A 173 6.40 2.79 13.07
C ILE A 173 6.11 3.69 14.27
N LEU A 174 6.88 4.75 14.47
CA LEU A 174 6.64 5.67 15.61
C LEU A 174 5.42 6.56 15.38
N ARG A 175 5.27 7.14 14.18
CA ARG A 175 4.30 8.25 13.96
C ARG A 175 2.89 7.67 13.88
N ARG A 176 2.74 6.40 13.53
CA ARG A 176 1.42 5.72 13.54
C ARG A 176 0.80 5.77 14.94
N ASP A 177 1.61 5.84 16.00
CA ASP A 177 1.09 5.90 17.38
C ASP A 177 1.10 7.34 17.87
N THR A 178 2.11 8.11 17.49
CA THR A 178 2.31 9.49 17.97
C THR A 178 1.26 10.45 17.43
N CYS A 179 0.83 10.31 16.16
CA CYS A 179 -0.08 11.32 15.52
C CYS A 179 -1.49 11.33 16.15
N GLY A 180 -1.87 10.34 16.95
CA GLY A 180 -3.17 10.31 17.66
C GLY A 180 -4.34 9.95 16.75
N GLY A 181 -4.07 9.47 15.53
CA GLY A 181 -5.10 8.93 14.61
C GLY A 181 -5.92 7.82 15.26
N LYS A 182 -5.26 6.84 15.85
CA LYS A 182 -5.83 5.52 16.22
C LYS A 182 -6.87 5.71 17.31
N PRO A 183 -6.57 6.44 18.40
CA PRO A 183 -7.57 6.76 19.41
C PRO A 183 -8.67 7.72 18.94
N SER A 184 -8.40 8.60 17.98
CA SER A 184 -9.44 9.46 17.37
C SER A 184 -10.45 8.54 16.66
N PHE A 185 -9.97 7.60 15.86
CA PHE A 185 -10.83 6.68 15.07
C PHE A 185 -11.67 5.83 16.02
N SER A 186 -11.08 5.28 17.07
CA SER A 186 -11.78 4.30 17.94
C SER A 186 -12.77 5.05 18.84
N PHE A 187 -12.51 6.32 19.12
CA PHE A 187 -13.43 7.19 19.89
C PHE A 187 -14.68 7.51 19.04
N PHE A 188 -14.50 7.97 17.81
CA PHE A 188 -15.60 8.33 16.88
C PHE A 188 -16.43 7.10 16.51
N GLY A 189 -15.88 5.92 16.76
CA GLY A 189 -16.51 4.62 16.52
C GLY A 189 -17.24 4.09 17.73
N LEU A 190 -17.16 4.77 18.87
CA LEU A 190 -17.83 4.34 20.14
C LEU A 190 -19.35 4.37 19.94
N GLY A 191 -20.03 3.29 20.29
CA GLY A 191 -21.49 3.13 20.12
C GLY A 191 -21.81 2.11 19.04
N LEU A 192 -20.89 1.85 18.12
CA LEU A 192 -21.13 0.94 16.98
C LEU A 192 -21.09 -0.51 17.46
N ASN A 193 -20.54 -0.77 18.64
CA ASN A 193 -20.57 -2.13 19.27
C ASN A 193 -19.98 -3.13 18.28
N ILE A 194 -18.83 -2.82 17.71
CA ILE A 194 -18.09 -3.75 16.83
C ILE A 194 -17.45 -4.83 17.68
N PRO A 195 -17.56 -6.12 17.30
CA PRO A 195 -16.95 -7.19 18.06
C PRO A 195 -15.41 -7.16 18.06
N LYS A 196 -14.85 -7.57 19.20
CA LYS A 196 -13.39 -7.65 19.43
C LYS A 196 -12.70 -8.41 18.29
N GLU A 197 -13.33 -9.44 17.73
CA GLU A 197 -12.76 -10.28 16.64
C GLU A 197 -12.60 -9.48 15.34
N VAL A 198 -13.46 -8.48 15.09
CA VAL A 198 -13.41 -7.60 13.89
C VAL A 198 -12.26 -6.62 14.08
N PHE A 199 -12.10 -6.04 15.28
CA PHE A 199 -10.95 -5.14 15.56
C PHE A 199 -9.62 -5.86 15.36
N ALA A 200 -9.53 -7.16 15.60
CA ALA A 200 -8.28 -7.96 15.50
C ALA A 200 -8.11 -8.55 14.09
N HIS A 201 -9.09 -8.41 13.20
CA HIS A 201 -9.00 -8.83 11.79
C HIS A 201 -7.89 -8.04 11.11
N PRO A 202 -6.92 -8.70 10.44
CA PRO A 202 -5.78 -8.01 9.83
C PRO A 202 -6.14 -6.87 8.85
N MET A 203 -7.31 -6.95 8.22
CA MET A 203 -7.74 -5.99 7.17
C MET A 203 -8.31 -4.75 7.84
N PHE A 204 -8.99 -4.92 8.98
CA PHE A 204 -9.31 -3.82 9.93
C PHE A 204 -8.03 -3.07 10.34
N ILE A 205 -6.97 -3.80 10.73
CA ILE A 205 -5.73 -3.20 11.30
C ILE A 205 -4.99 -2.51 10.15
N SER A 206 -5.04 -3.13 8.98
CA SER A 206 -4.34 -2.71 7.74
C SER A 206 -4.97 -1.38 7.29
N MET A 207 -6.30 -1.31 7.25
CA MET A 207 -7.03 -0.05 6.89
C MET A 207 -6.77 1.04 7.93
N THR A 208 -6.79 0.67 9.21
CA THR A 208 -6.43 1.58 10.32
C THR A 208 -5.02 2.15 10.10
N GLU A 209 -4.06 1.29 9.78
CA GLU A 209 -2.63 1.66 9.57
C GLU A 209 -2.55 2.63 8.36
N SER A 210 -3.20 2.30 7.24
CA SER A 210 -3.21 3.17 6.04
C SER A 210 -3.77 4.56 6.40
N ALA A 211 -4.91 4.63 7.11
CA ALA A 211 -5.53 5.93 7.50
C ALA A 211 -4.60 6.69 8.44
N THR A 212 -3.85 5.99 9.27
CA THR A 212 -2.95 6.68 10.23
C THR A 212 -1.79 7.32 9.46
N ASP A 213 -1.20 6.58 8.54
CA ASP A 213 -0.10 7.09 7.68
C ASP A 213 -0.56 8.39 7.04
N LEU A 214 -1.80 8.45 6.55
CA LEU A 214 -2.30 9.64 5.83
C LEU A 214 -2.40 10.82 6.81
N ILE A 215 -2.83 10.57 8.05
CA ILE A 215 -2.87 11.64 9.08
C ILE A 215 -1.44 12.11 9.41
N ALA A 216 -0.48 11.20 9.52
CA ALA A 216 0.92 11.56 9.86
C ALA A 216 1.55 12.37 8.72
N ILE A 217 1.44 11.90 7.47
CA ILE A 217 2.20 12.49 6.33
C ILE A 217 1.54 13.81 5.91
N THR A 218 0.22 13.93 5.99
CA THR A 218 -0.43 15.22 5.64
C THR A 218 -0.02 16.26 6.69
N ASN A 219 -0.09 15.92 7.96
CA ASN A 219 0.33 16.79 9.06
C ASN A 219 1.80 17.23 8.85
N ASP A 220 2.71 16.32 8.53
CA ASP A 220 4.14 16.70 8.30
C ASP A 220 4.28 17.58 7.07
N MET A 221 3.56 17.28 5.98
CA MET A 221 3.69 18.08 4.73
C MET A 221 3.21 19.51 5.01
N HIS A 222 2.08 19.66 5.68
CA HIS A 222 1.41 20.97 5.95
C HIS A 222 2.19 21.75 7.00
N SER A 223 2.98 21.08 7.84
CA SER A 223 3.75 21.76 8.91
C SER A 223 5.21 21.93 8.52
N TYR A 224 5.66 21.36 7.39
CA TYR A 224 7.11 21.25 7.09
C TYR A 224 7.72 22.65 6.88
N ASN A 225 6.99 23.54 6.19
CA ASN A 225 7.48 24.91 5.86
C ASN A 225 7.78 25.63 7.18
N LEU A 226 6.82 25.62 8.11
CA LEU A 226 7.00 26.16 9.49
C LEU A 226 8.25 25.51 10.10
N GLU A 227 8.24 24.17 10.18
CA GLU A 227 9.27 23.35 10.89
C GLU A 227 10.67 23.72 10.38
N GLN A 228 10.90 23.72 9.06
CA GLN A 228 12.25 23.93 8.47
C GLN A 228 12.66 25.39 8.68
N SER A 229 11.71 26.29 8.94
CA SER A 229 11.95 27.74 9.16
C SER A 229 12.83 27.96 10.40
N ARG A 230 12.70 27.11 11.45
CA ARG A 230 13.39 27.26 12.77
C ARG A 230 14.05 25.95 13.22
N GLY A 231 14.58 25.13 12.29
CA GLY A 231 15.19 23.81 12.60
C GLY A 231 14.32 22.97 13.53
N LEU A 232 13.05 22.77 13.17
CA LEU A 232 12.08 21.80 13.81
C LEU A 232 11.82 20.63 12.84
N ASP A 233 12.43 20.67 11.64
CA ASP A 233 12.18 19.79 10.46
C ASP A 233 13.02 18.50 10.54
N GLY A 234 13.56 18.18 11.72
CA GLY A 234 14.42 17.00 11.94
C GLY A 234 13.66 15.69 12.08
N HIS A 235 12.41 15.72 12.58
CA HIS A 235 11.56 14.52 12.86
C HIS A 235 10.46 14.38 11.80
N ASN A 236 10.56 15.16 10.72
CA ASN A 236 9.56 15.21 9.63
C ASN A 236 9.84 14.09 8.63
N VAL A 237 8.78 13.58 8.03
CA VAL A 237 8.88 12.51 7.01
C VAL A 237 9.65 13.05 5.79
N ILE A 238 9.52 14.32 5.46
CA ILE A 238 10.25 14.93 4.31
C ILE A 238 11.75 14.85 4.57
N THR A 239 12.19 15.04 5.81
CA THR A 239 13.63 15.00 6.18
C THR A 239 14.12 13.55 6.06
N ALA A 240 13.37 12.61 6.61
CA ALA A 240 13.68 11.16 6.49
C ALA A 240 13.83 10.78 5.01
N ILE A 241 12.89 11.20 4.16
CA ILE A 241 12.86 10.84 2.72
C ILE A 241 14.08 11.46 2.03
N MET A 242 14.30 12.75 2.24
CA MET A 242 15.46 13.46 1.62
C MET A 242 16.77 12.78 2.00
N HIS A 243 16.93 12.42 3.27
CA HIS A 243 18.17 11.81 3.80
C HIS A 243 18.29 10.41 3.19
N GLU A 244 17.25 9.59 3.29
CA GLU A 244 17.34 8.15 2.90
C GLU A 244 17.50 7.98 1.38
N TYR A 245 16.91 8.83 0.55
CA TYR A 245 16.88 8.64 -0.93
C TYR A 245 17.81 9.65 -1.61
N LYS A 246 18.46 10.52 -0.84
CA LYS A 246 19.49 11.48 -1.33
C LYS A 246 18.89 12.34 -2.43
N ILE A 247 17.68 12.87 -2.20
CA ILE A 247 16.91 13.69 -3.18
C ILE A 247 16.58 15.01 -2.51
N ASN A 248 16.31 16.06 -3.31
CA ASN A 248 15.96 17.40 -2.80
C ASN A 248 14.48 17.43 -2.37
N LEU A 249 14.06 18.54 -1.77
CA LEU A 249 12.72 18.77 -1.20
C LEU A 249 11.63 18.49 -2.25
N GLN A 250 11.79 19.01 -3.47
CA GLN A 250 10.79 18.83 -4.52
C GLN A 250 10.61 17.32 -4.76
N GLY A 251 11.71 16.57 -4.80
CA GLY A 251 11.73 15.13 -5.05
C GLY A 251 10.96 14.41 -3.95
N ALA A 252 11.23 14.75 -2.70
CA ALA A 252 10.59 14.12 -1.53
C ALA A 252 9.08 14.37 -1.56
N LEU A 253 8.62 15.48 -2.15
CA LEU A 253 7.17 15.80 -2.17
C LEU A 253 6.50 14.97 -3.26
N TYR A 254 7.17 14.75 -4.39
CA TYR A 254 6.66 13.86 -5.46
C TYR A 254 6.58 12.43 -4.92
N TRP A 255 7.54 12.10 -4.08
CA TRP A 255 7.70 10.76 -3.49
C TRP A 255 6.48 10.54 -2.61
N LEU A 256 6.15 11.52 -1.78
CA LEU A 256 5.00 11.43 -0.84
C LEU A 256 3.70 11.28 -1.63
N SER A 257 3.54 12.04 -2.70
CA SER A 257 2.36 11.92 -3.59
C SER A 257 2.18 10.45 -4.06
N GLY A 258 3.27 9.80 -4.46
CA GLY A 258 3.23 8.38 -4.88
C GLY A 258 2.87 7.46 -3.73
N TYR A 259 3.52 7.68 -2.58
CA TYR A 259 3.33 6.89 -1.34
C TYR A 259 1.88 7.04 -0.89
N ALA A 260 1.35 8.26 -0.97
CA ALA A 260 -0.04 8.57 -0.58
C ALA A 260 -1.01 7.87 -1.53
N THR A 261 -0.74 7.90 -2.83
CA THR A 261 -1.67 7.30 -3.83
C THR A 261 -1.85 5.81 -3.55
N LYS A 262 -0.76 5.10 -3.28
CA LYS A 262 -0.80 3.65 -3.03
C LYS A 262 -1.55 3.41 -1.72
N THR A 263 -1.24 4.18 -0.70
CA THR A 263 -1.86 4.02 0.64
C THR A 263 -3.39 4.15 0.51
N ILE A 264 -3.87 5.17 -0.19
CA ILE A 264 -5.32 5.47 -0.35
C ILE A 264 -5.96 4.32 -1.11
N ALA A 265 -5.34 3.91 -2.23
CA ALA A 265 -5.87 2.85 -3.12
C ALA A 265 -6.01 1.53 -2.35
N LYS A 266 -5.09 1.22 -1.45
CA LYS A 266 -5.12 -0.01 -0.64
C LYS A 266 -6.17 0.14 0.47
N PHE A 267 -6.41 1.34 0.99
CA PHE A 267 -7.48 1.59 1.97
C PHE A 267 -8.81 1.26 1.32
N ILE A 268 -9.05 1.79 0.13
CA ILE A 268 -10.35 1.61 -0.58
C ILE A 268 -10.54 0.15 -1.00
N SER A 269 -9.50 -0.48 -1.57
CA SER A 269 -9.52 -1.89 -1.98
C SER A 269 -9.82 -2.80 -0.77
N ASP A 270 -9.14 -2.60 0.36
CA ASP A 270 -9.36 -3.38 1.60
C ASP A 270 -10.80 -3.20 2.08
N ARG A 271 -11.33 -1.97 2.06
CA ARG A 271 -12.75 -1.73 2.41
C ARG A 271 -13.67 -2.66 1.58
N LYS A 272 -13.48 -2.67 0.26
CA LYS A 272 -14.29 -3.43 -0.71
C LYS A 272 -14.13 -4.93 -0.48
N ASN A 273 -13.03 -5.41 0.14
CA ASN A 273 -12.73 -6.86 0.28
C ASN A 273 -12.83 -7.34 1.73
N LEU A 274 -13.37 -6.53 2.63
CA LEU A 274 -13.58 -7.00 4.01
C LEU A 274 -14.45 -8.25 3.96
N PRO A 275 -14.30 -9.18 4.93
CA PRO A 275 -15.28 -10.24 5.08
C PRO A 275 -16.60 -9.67 5.62
N SER A 276 -17.67 -10.44 5.42
CA SER A 276 -19.00 -10.23 6.04
C SER A 276 -18.98 -10.98 7.37
N TRP A 277 -19.60 -10.38 8.39
CA TRP A 277 -19.87 -10.97 9.73
C TRP A 277 -21.37 -10.85 10.00
N GLY A 278 -22.17 -10.89 8.93
CA GLY A 278 -23.64 -10.76 9.00
C GLY A 278 -24.06 -9.31 8.79
N PRO A 279 -25.36 -9.02 8.68
CA PRO A 279 -25.83 -7.68 8.33
C PRO A 279 -25.56 -6.57 9.36
N VAL A 280 -25.63 -6.90 10.66
CA VAL A 280 -25.65 -5.90 11.77
C VAL A 280 -24.26 -5.26 11.88
N VAL A 281 -23.19 -6.07 11.90
CA VAL A 281 -21.82 -5.57 12.14
C VAL A 281 -21.30 -5.01 10.82
N ASP A 282 -21.71 -5.60 9.70
CA ASP A 282 -21.40 -5.06 8.35
C ASP A 282 -21.82 -3.59 8.28
N ARG A 283 -23.02 -3.24 8.74
CA ARG A 283 -23.46 -1.82 8.72
C ARG A 283 -22.54 -1.02 9.66
N ALA A 284 -22.07 -1.65 10.75
CA ALA A 284 -21.27 -1.01 11.82
C ALA A 284 -19.89 -0.70 11.25
N VAL A 285 -19.28 -1.69 10.62
CA VAL A 285 -17.94 -1.59 9.98
C VAL A 285 -18.03 -0.62 8.80
N GLU A 286 -19.17 -0.57 8.11
CA GLU A 286 -19.37 0.35 6.96
C GLU A 286 -19.29 1.76 7.53
N GLN A 287 -20.04 1.97 8.62
CA GLN A 287 -20.12 3.28 9.28
C GLN A 287 -18.76 3.64 9.91
N TYR A 288 -18.08 2.70 10.55
CA TYR A 288 -16.79 2.92 11.24
C TYR A 288 -15.81 3.62 10.25
N PHE A 289 -15.61 3.06 9.07
CA PHE A 289 -14.58 3.54 8.10
C PHE A 289 -15.08 4.78 7.35
N ASP A 290 -16.41 4.93 7.23
CA ASP A 290 -17.02 6.23 6.82
C ASP A 290 -16.57 7.32 7.78
N ARG A 291 -16.58 7.04 9.09
CA ARG A 291 -16.15 8.03 10.11
C ARG A 291 -14.64 8.24 9.99
N VAL A 292 -13.87 7.17 9.79
CA VAL A 292 -12.39 7.30 9.60
C VAL A 292 -12.17 8.20 8.36
N GLY A 293 -12.93 7.98 7.30
CA GLY A 293 -12.81 8.78 6.07
C GLY A 293 -12.93 10.25 6.35
N ARG A 294 -13.98 10.62 7.09
CA ARG A 294 -14.26 12.02 7.46
C ARG A 294 -13.13 12.52 8.36
N CYS A 295 -12.67 11.67 9.26
CA CYS A 295 -11.57 12.04 10.19
C CYS A 295 -10.27 12.36 9.44
N VAL A 296 -9.90 11.57 8.44
CA VAL A 296 -8.63 11.81 7.72
C VAL A 296 -8.77 13.13 6.97
N ARG A 297 -9.90 13.34 6.32
CA ARG A 297 -10.12 14.56 5.50
C ARG A 297 -10.08 15.76 6.44
N GLY A 298 -10.84 15.68 7.53
CA GLY A 298 -10.95 16.74 8.55
C GLY A 298 -9.61 17.13 9.16
N TYR A 299 -8.71 16.18 9.44
CA TYR A 299 -7.35 16.47 9.96
C TYR A 299 -6.57 17.25 8.90
N ASP A 300 -6.62 16.79 7.65
CA ASP A 300 -5.90 17.43 6.51
C ASP A 300 -6.41 18.87 6.35
N ALA A 301 -7.73 19.09 6.44
CA ALA A 301 -8.34 20.43 6.30
C ALA A 301 -7.73 21.37 7.35
N TRP A 302 -7.96 21.03 8.63
CA TRP A 302 -7.47 21.75 9.84
C TRP A 302 -5.94 21.95 9.74
N SER A 303 -5.17 20.89 9.45
CA SER A 303 -3.68 20.88 9.48
C SER A 303 -3.08 21.76 8.36
N TYR A 304 -3.80 21.93 7.26
CA TYR A 304 -3.42 22.86 6.15
C TYR A 304 -3.73 24.31 6.57
N GLU A 305 -4.93 24.53 7.13
CA GLU A 305 -5.46 25.89 7.42
C GLU A 305 -4.65 26.53 8.57
N THR A 306 -4.17 25.76 9.56
CA THR A 306 -3.62 26.27 10.86
C THR A 306 -2.07 26.39 10.82
N LYS A 307 -1.35 25.48 10.14
CA LYS A 307 0.14 25.41 10.21
C LYS A 307 0.78 26.18 9.05
N ARG A 308 -0.03 26.63 8.09
CA ARG A 308 0.33 27.68 7.10
C ARG A 308 -0.96 28.30 6.55
N TYR A 309 -1.48 29.31 7.25
CA TYR A 309 -2.85 29.89 7.11
C TYR A 309 -3.15 30.23 5.63
N TYR A 310 -2.79 31.44 5.19
CA TYR A 310 -3.00 32.02 3.84
C TYR A 310 -4.36 31.55 3.25
N GLY A 311 -4.45 31.31 1.93
CA GLY A 311 -5.71 31.04 1.21
C GLY A 311 -5.74 29.68 0.54
N LYS A 312 -5.55 29.65 -0.80
CA LYS A 312 -5.42 28.43 -1.63
C LYS A 312 -4.00 28.34 -2.21
N ASN A 313 -2.98 28.76 -1.45
CA ASN A 313 -1.55 28.81 -1.86
C ASN A 313 -1.07 27.39 -2.21
N GLY A 314 -0.28 27.27 -3.29
CA GLY A 314 0.15 25.98 -3.86
C GLY A 314 1.63 25.93 -4.23
N LEU A 315 2.29 27.11 -4.40
CA LEU A 315 3.72 27.25 -4.78
C LEU A 315 4.37 28.35 -3.91
N GLU A 316 5.49 28.02 -3.26
CA GLU A 316 6.29 28.96 -2.41
C GLU A 316 7.79 28.80 -2.75
N ILE A 317 8.65 29.66 -2.20
CA ILE A 317 10.14 29.46 -2.15
C ILE A 317 10.48 28.85 -0.78
N GLN A 318 9.54 28.88 0.17
CA GLN A 318 9.70 28.45 1.59
C GLN A 318 10.59 29.48 2.31
N ILE B 5 18.40 13.15 -16.00
CA ILE B 5 17.30 12.47 -15.25
C ILE B 5 17.93 11.47 -14.30
N TYR B 6 17.53 11.47 -13.03
CA TYR B 6 17.90 10.44 -12.03
C TYR B 6 16.78 9.39 -11.96
N ILE B 7 17.19 8.13 -12.13
CA ILE B 7 16.30 6.95 -12.20
C ILE B 7 16.45 6.21 -10.88
N PRO B 8 15.41 6.22 -10.01
CA PRO B 8 15.50 5.50 -8.73
C PRO B 8 15.49 3.99 -8.95
N ASP B 9 16.03 3.26 -7.98
CA ASP B 9 15.95 1.80 -7.86
C ASP B 9 14.67 1.45 -7.09
N LEU B 10 13.59 1.09 -7.79
CA LEU B 10 12.26 0.83 -7.19
C LEU B 10 12.33 -0.36 -6.22
N LEU B 11 13.32 -1.25 -6.37
CA LEU B 11 13.42 -2.47 -5.51
C LEU B 11 14.52 -2.36 -4.46
N ILE B 12 15.04 -1.16 -4.19
CA ILE B 12 16.15 -0.94 -3.20
C ILE B 12 15.72 -1.53 -1.87
N THR B 13 14.42 -1.52 -1.55
CA THR B 13 13.89 -2.04 -0.27
C THR B 13 13.40 -3.49 -0.41
N TRP B 14 13.58 -4.09 -1.59
CA TRP B 14 13.10 -5.48 -1.81
C TRP B 14 14.21 -6.43 -1.35
N PRO B 15 13.99 -7.22 -0.29
CA PRO B 15 15.10 -7.95 0.35
C PRO B 15 15.73 -9.04 -0.53
N TRP B 16 14.98 -9.58 -1.49
CA TRP B 16 15.42 -10.71 -2.34
C TRP B 16 16.49 -10.18 -3.26
N GLN B 17 17.58 -10.94 -3.42
CA GLN B 17 18.75 -10.53 -4.25
C GLN B 17 18.81 -11.39 -5.52
N LYS B 18 19.27 -10.76 -6.61
CA LYS B 18 19.50 -11.36 -7.96
C LYS B 18 20.45 -12.56 -7.90
N VAL B 19 20.05 -13.73 -8.42
CA VAL B 19 20.91 -14.96 -8.48
C VAL B 19 20.60 -15.72 -9.78
N ARG B 20 21.63 -15.96 -10.61
CA ARG B 20 21.51 -16.67 -11.90
C ARG B 20 21.65 -18.17 -11.69
N ASN B 21 20.69 -18.98 -12.16
CA ASN B 21 20.77 -20.45 -12.03
C ASN B 21 22.05 -20.87 -12.77
N PRO B 22 23.05 -21.47 -12.07
CA PRO B 22 24.30 -21.88 -12.72
C PRO B 22 24.13 -22.91 -13.85
N LEU B 23 23.00 -23.66 -13.86
CA LEU B 23 22.71 -24.76 -14.83
C LEU B 23 22.25 -24.20 -16.19
N LEU B 24 22.27 -22.87 -16.40
CA LEU B 24 22.07 -22.27 -17.75
C LEU B 24 23.35 -22.43 -18.57
N GLN B 25 23.22 -22.51 -19.90
CA GLN B 25 24.32 -22.88 -20.83
C GLN B 25 24.27 -24.40 -21.00
N GLU B 26 23.87 -25.13 -19.95
CA GLU B 26 23.68 -26.60 -19.89
C GLU B 26 22.22 -26.99 -20.22
N VAL B 27 21.28 -26.04 -20.25
CA VAL B 27 19.87 -26.29 -20.70
C VAL B 27 19.48 -25.31 -21.84
N GLN B 28 20.27 -24.26 -22.08
CA GLN B 28 19.92 -23.18 -23.06
C GLN B 28 19.74 -23.71 -24.50
N ASP B 29 20.47 -24.75 -24.88
CA ASP B 29 20.46 -25.36 -26.24
C ASP B 29 19.16 -26.17 -26.47
N GLU B 30 19.01 -27.31 -25.77
CA GLU B 30 17.88 -28.27 -25.87
C GLU B 30 16.55 -27.57 -25.60
N ALA B 31 16.56 -26.47 -24.83
CA ALA B 31 15.37 -25.63 -24.55
C ALA B 31 15.10 -24.71 -25.75
N ASN B 32 16.15 -24.19 -26.38
CA ASN B 32 16.01 -23.37 -27.62
C ASN B 32 15.76 -24.29 -28.83
N GLU B 33 16.16 -25.56 -28.73
CA GLU B 33 15.89 -26.62 -29.75
C GLU B 33 14.46 -27.15 -29.57
N TRP B 34 13.57 -26.37 -28.96
CA TRP B 34 12.16 -26.75 -28.71
C TRP B 34 11.23 -25.72 -29.36
N VAL B 35 11.53 -24.44 -29.19
CA VAL B 35 10.69 -23.32 -29.71
C VAL B 35 10.79 -23.29 -31.25
N LYS B 36 12.00 -23.44 -31.79
CA LYS B 36 12.33 -23.53 -33.25
C LYS B 36 11.45 -24.63 -33.85
N SER B 37 11.37 -25.80 -33.20
CA SER B 37 10.54 -26.97 -33.62
C SER B 37 9.05 -26.60 -33.79
N PHE B 38 8.56 -25.51 -33.17
CA PHE B 38 7.12 -25.10 -33.14
C PHE B 38 6.87 -23.75 -33.82
N VAL B 39 7.83 -22.84 -33.84
CA VAL B 39 7.71 -21.53 -34.55
C VAL B 39 8.65 -21.55 -35.77
N LEU B 40 8.11 -21.21 -36.94
CA LEU B 40 8.89 -20.96 -38.18
C LEU B 40 9.49 -19.55 -38.09
N PHE B 41 10.67 -19.42 -37.50
CA PHE B 41 11.36 -18.13 -37.29
C PHE B 41 11.78 -17.55 -38.65
N GLU B 42 11.42 -16.30 -38.93
CA GLU B 42 11.95 -15.54 -40.10
C GLU B 42 13.13 -14.69 -39.58
N PRO B 43 14.08 -14.26 -40.44
CA PRO B 43 15.02 -13.19 -40.08
C PRO B 43 14.27 -11.93 -39.61
N GLU B 44 14.84 -11.21 -38.63
CA GLU B 44 14.24 -10.07 -37.88
C GLU B 44 13.30 -10.59 -36.79
N GLN B 45 12.84 -11.85 -36.87
CA GLN B 45 11.93 -12.48 -35.86
C GLN B 45 12.77 -13.33 -34.90
N PHE B 46 13.77 -14.04 -35.42
CA PHE B 46 14.78 -14.80 -34.63
C PHE B 46 15.77 -13.83 -33.97
N GLU B 47 15.89 -12.61 -34.49
CA GLU B 47 16.71 -11.53 -33.90
C GLU B 47 16.20 -11.27 -32.47
N LYS B 48 15.10 -10.51 -32.34
CA LYS B 48 14.58 -10.02 -31.04
C LYS B 48 14.29 -11.19 -30.09
N PHE B 49 14.01 -12.39 -30.61
CA PHE B 49 13.83 -13.62 -29.79
C PHE B 49 15.11 -13.94 -29.00
N LYS B 50 16.28 -13.85 -29.66
CA LYS B 50 17.59 -14.09 -29.00
C LYS B 50 18.11 -12.79 -28.36
N ALA B 51 17.52 -11.63 -28.69
CA ALA B 51 17.86 -10.29 -28.15
C ALA B 51 16.98 -9.98 -26.93
N CYS B 52 15.89 -10.73 -26.75
CA CYS B 52 15.01 -10.66 -25.54
C CYS B 52 15.60 -11.60 -24.48
N ASP B 53 16.06 -12.78 -24.89
CA ASP B 53 16.86 -13.74 -24.08
C ASP B 53 16.00 -14.32 -22.95
N PHE B 54 15.02 -15.13 -23.30
CA PHE B 54 13.94 -15.57 -22.37
C PHE B 54 14.47 -16.68 -21.44
N ASN B 55 15.54 -17.38 -21.79
CA ASN B 55 16.08 -18.49 -20.98
C ASN B 55 16.84 -17.94 -19.76
N LEU B 56 17.47 -16.76 -19.90
CA LEU B 56 18.14 -16.04 -18.79
C LEU B 56 17.06 -15.61 -17.79
N LEU B 57 15.93 -15.10 -18.30
CA LEU B 57 14.75 -14.76 -17.47
C LEU B 57 14.37 -16.00 -16.63
N GLY B 58 14.22 -17.17 -17.23
CA GLY B 58 13.90 -18.41 -16.51
C GLY B 58 14.94 -18.73 -15.43
N ALA B 59 16.21 -18.46 -15.70
CA ALA B 59 17.36 -18.72 -14.79
C ALA B 59 17.38 -17.68 -13.66
N LEU B 60 16.97 -16.45 -13.94
CA LEU B 60 16.87 -15.35 -12.96
C LEU B 60 15.63 -15.51 -12.07
N VAL B 61 14.65 -16.31 -12.46
CA VAL B 61 13.28 -16.17 -11.90
C VAL B 61 12.85 -17.50 -11.29
N GLY B 62 13.20 -18.61 -11.92
CA GLY B 62 12.71 -19.92 -11.49
C GLY B 62 13.45 -20.41 -10.26
N PRO B 63 13.00 -21.54 -9.66
CA PRO B 63 13.66 -22.10 -8.49
C PRO B 63 15.08 -22.51 -8.87
N LEU B 64 16.03 -22.29 -7.95
CA LEU B 64 17.42 -22.82 -8.05
C LEU B 64 17.36 -24.30 -7.64
N GLY B 65 17.52 -25.21 -8.59
CA GLY B 65 17.30 -26.65 -8.39
C GLY B 65 17.95 -27.41 -9.51
N THR B 66 17.29 -28.47 -9.99
CA THR B 66 17.84 -29.42 -11.00
C THR B 66 17.82 -28.76 -12.38
N LYS B 67 18.50 -29.37 -13.36
CA LYS B 67 18.55 -28.89 -14.76
C LYS B 67 17.17 -29.06 -15.42
N GLU B 68 16.36 -30.00 -14.91
CA GLU B 68 14.98 -30.28 -15.41
C GLU B 68 14.06 -29.16 -14.93
N GLU B 69 14.26 -28.68 -13.69
CA GLU B 69 13.48 -27.55 -13.13
C GLU B 69 13.83 -26.28 -13.91
N LEU B 70 15.09 -26.06 -14.26
CA LEU B 70 15.42 -24.88 -15.11
C LEU B 70 14.78 -25.06 -16.49
N ARG B 71 14.58 -26.31 -16.93
CA ARG B 71 14.01 -26.59 -18.26
C ARG B 71 12.57 -26.06 -18.33
N ILE B 72 11.72 -26.52 -17.40
CA ILE B 72 10.30 -26.08 -17.27
C ILE B 72 10.23 -24.57 -17.04
N SER B 73 11.17 -23.94 -16.31
CA SER B 73 11.18 -22.48 -16.05
C SER B 73 11.41 -21.73 -17.37
N CYS B 74 12.32 -22.22 -18.21
CA CYS B 74 12.61 -21.62 -19.55
C CYS B 74 11.47 -21.90 -20.52
N ASP B 75 10.78 -23.03 -20.36
CA ASP B 75 9.63 -23.38 -21.24
C ASP B 75 8.50 -22.38 -21.01
N LEU B 76 8.27 -21.99 -19.75
CA LEU B 76 7.14 -21.07 -19.47
C LEU B 76 7.41 -19.77 -20.22
N MET B 77 8.59 -19.21 -20.08
CA MET B 77 8.89 -17.87 -20.65
C MET B 77 8.78 -17.95 -22.15
N ASN B 78 9.26 -19.07 -22.68
CA ASN B 78 9.31 -19.36 -24.13
C ASN B 78 7.86 -19.52 -24.62
N PHE B 79 7.07 -20.33 -23.91
CA PHE B 79 5.62 -20.50 -24.19
C PHE B 79 4.88 -19.15 -24.24
N TYR B 80 5.12 -18.24 -23.28
CA TYR B 80 4.50 -16.89 -23.26
C TYR B 80 4.74 -16.20 -24.61
N PHE B 81 5.96 -16.27 -25.13
CA PHE B 81 6.36 -15.63 -26.41
C PHE B 81 5.66 -16.34 -27.57
N ALA B 82 5.73 -17.67 -27.61
CA ALA B 82 5.17 -18.51 -28.70
C ALA B 82 3.64 -18.32 -28.76
N PHE B 83 2.98 -18.21 -27.62
CA PHE B 83 1.52 -17.97 -27.58
C PHE B 83 1.21 -16.62 -28.23
N ASP B 84 1.95 -15.55 -27.91
CA ASP B 84 1.73 -14.19 -28.48
C ASP B 84 1.92 -14.21 -30.00
N GLU B 85 2.93 -14.92 -30.48
CA GLU B 85 3.28 -15.04 -31.91
C GLU B 85 2.16 -15.80 -32.62
N TYR B 86 1.77 -16.96 -32.11
CA TYR B 86 0.71 -17.80 -32.72
C TYR B 86 -0.61 -17.01 -32.80
N THR B 87 -0.92 -16.10 -31.87
CA THR B 87 -2.21 -15.36 -31.84
C THR B 87 -2.03 -13.91 -32.31
N ASP B 88 -0.86 -13.55 -32.86
CA ASP B 88 -0.50 -12.16 -33.28
C ASP B 88 -1.48 -11.64 -34.33
N LEU B 89 -1.75 -12.44 -35.37
CA LEU B 89 -2.59 -12.04 -36.54
C LEU B 89 -4.03 -12.54 -36.36
N ALA B 90 -4.38 -13.12 -35.19
CA ALA B 90 -5.74 -13.64 -34.89
C ALA B 90 -6.66 -12.50 -34.44
N SER B 91 -7.96 -12.60 -34.71
CA SER B 91 -9.01 -11.68 -34.18
C SER B 91 -9.22 -11.90 -32.68
N ALA B 92 -10.03 -11.07 -32.04
CA ALA B 92 -10.38 -11.22 -30.61
C ALA B 92 -11.03 -12.60 -30.38
N ASP B 93 -12.15 -12.92 -31.03
CA ASP B 93 -12.92 -14.17 -30.75
C ASP B 93 -12.09 -15.40 -31.12
N GLU B 94 -11.20 -15.28 -32.11
CA GLU B 94 -10.29 -16.37 -32.50
C GLU B 94 -9.28 -16.62 -31.38
N ALA B 95 -8.63 -15.54 -30.90
CA ALA B 95 -7.65 -15.56 -29.76
C ALA B 95 -8.28 -16.21 -28.51
N LYS B 96 -9.55 -15.95 -28.21
CA LYS B 96 -10.21 -16.51 -27.00
C LYS B 96 -10.30 -18.03 -27.14
N VAL B 97 -10.60 -18.50 -28.34
CA VAL B 97 -10.78 -19.95 -28.63
C VAL B 97 -9.41 -20.65 -28.44
N ILE B 98 -8.36 -20.06 -29.01
CA ILE B 98 -6.97 -20.60 -28.93
C ILE B 98 -6.55 -20.65 -27.46
N ALA B 99 -6.83 -19.62 -26.69
CA ALA B 99 -6.52 -19.55 -25.24
C ALA B 99 -7.34 -20.63 -24.50
N ARG B 100 -8.58 -20.84 -24.88
CA ARG B 100 -9.45 -21.87 -24.24
C ARG B 100 -8.89 -23.27 -24.54
N ASP B 101 -8.39 -23.45 -25.76
CA ASP B 101 -7.84 -24.76 -26.19
C ASP B 101 -6.54 -25.01 -25.43
N VAL B 102 -5.64 -24.03 -25.40
CA VAL B 102 -4.40 -24.11 -24.58
C VAL B 102 -4.73 -24.48 -23.12
N MET B 103 -5.70 -23.84 -22.50
CA MET B 103 -6.03 -24.15 -21.09
C MET B 103 -6.51 -25.61 -20.99
N GLU B 104 -7.15 -26.12 -22.05
CA GLU B 104 -7.68 -27.52 -22.06
C GLU B 104 -6.49 -28.47 -22.15
N SER B 105 -5.49 -28.10 -22.94
CA SER B 105 -4.19 -28.81 -23.07
C SER B 105 -3.52 -28.93 -21.70
N PHE B 106 -3.53 -27.86 -20.88
CA PHE B 106 -2.99 -27.86 -19.50
C PHE B 106 -3.81 -28.83 -18.62
N ARG B 107 -5.13 -28.76 -18.71
CA ARG B 107 -6.07 -29.60 -17.91
C ARG B 107 -5.94 -31.10 -18.25
N HIS B 108 -5.61 -31.46 -19.51
CA HIS B 108 -5.69 -32.86 -20.03
C HIS B 108 -4.48 -33.14 -20.93
N THR B 109 -3.32 -33.44 -20.36
CA THR B 109 -2.05 -33.69 -21.09
C THR B 109 -2.08 -35.05 -21.80
N ASP B 110 -3.01 -35.94 -21.40
CA ASP B 110 -3.17 -37.32 -21.92
C ASP B 110 -3.80 -37.25 -23.33
N LYS B 111 -4.84 -36.43 -23.52
CA LYS B 111 -5.58 -36.24 -24.80
C LYS B 111 -4.66 -35.64 -25.87
N PRO B 112 -4.82 -36.01 -27.15
CA PRO B 112 -4.01 -35.42 -28.22
C PRO B 112 -4.40 -33.96 -28.52
N SER B 113 -3.45 -33.19 -29.05
CA SER B 113 -3.63 -31.79 -29.46
C SER B 113 -4.06 -31.76 -30.92
N HIS B 114 -4.46 -30.58 -31.44
CA HIS B 114 -4.95 -30.43 -32.82
C HIS B 114 -4.23 -29.33 -33.58
N ASN B 115 -3.23 -28.66 -33.00
CA ASN B 115 -2.47 -27.60 -33.72
C ASN B 115 -1.16 -27.34 -32.97
N LYS B 116 -0.27 -26.54 -33.57
CA LYS B 116 1.10 -26.26 -33.05
C LYS B 116 1.06 -25.78 -31.59
N ILE B 117 0.17 -24.85 -31.26
CA ILE B 117 0.18 -24.14 -29.95
C ILE B 117 -0.44 -25.01 -28.86
N THR B 118 -1.42 -25.85 -29.18
CA THR B 118 -2.01 -26.79 -28.18
C THR B 118 -1.02 -27.93 -27.91
N GLU B 119 -0.19 -28.30 -28.87
CA GLU B 119 0.78 -29.40 -28.70
C GLU B 119 1.91 -28.85 -27.80
N MET B 120 2.45 -27.68 -28.15
CA MET B 120 3.48 -26.98 -27.32
C MET B 120 2.98 -26.85 -25.89
N ALA B 121 1.77 -26.34 -25.69
CA ALA B 121 1.15 -26.19 -24.35
C ALA B 121 1.08 -27.55 -23.63
N ARG B 122 0.72 -28.61 -24.37
CA ARG B 122 0.52 -29.95 -23.78
C ARG B 122 1.90 -30.51 -23.35
N GLN B 123 2.90 -30.36 -24.23
CA GLN B 123 4.27 -30.89 -24.04
C GLN B 123 4.94 -30.15 -22.86
N PHE B 124 4.63 -28.86 -22.67
CA PHE B 124 5.30 -28.03 -21.63
C PHE B 124 4.69 -28.42 -20.27
N PHE B 125 3.37 -28.61 -20.22
CA PHE B 125 2.68 -28.85 -18.93
C PHE B 125 2.86 -30.30 -18.46
N GLU B 126 2.83 -31.26 -19.37
CA GLU B 126 3.11 -32.69 -19.03
C GLU B 126 4.50 -32.80 -18.40
N ARG B 127 5.50 -32.17 -19.02
CA ARG B 127 6.88 -32.09 -18.48
C ARG B 127 6.85 -31.46 -17.08
N THR B 128 6.18 -30.31 -16.93
CA THR B 128 6.08 -29.56 -15.67
C THR B 128 5.52 -30.47 -14.58
N ILE B 129 4.46 -31.22 -14.87
CA ILE B 129 3.78 -32.10 -13.86
C ILE B 129 4.60 -33.38 -13.62
N ASN B 130 5.42 -33.78 -14.59
CA ASN B 130 6.40 -34.88 -14.40
C ASN B 130 7.39 -34.45 -13.32
N THR B 131 7.85 -33.20 -13.38
CA THR B 131 8.90 -32.66 -12.48
C THR B 131 8.29 -32.39 -11.10
N VAL B 132 7.25 -31.58 -11.00
CA VAL B 132 6.76 -31.00 -9.72
C VAL B 132 5.67 -31.87 -9.11
N GLY B 133 5.15 -32.87 -9.82
CA GLY B 133 4.12 -33.77 -9.28
C GLY B 133 2.73 -33.23 -9.53
N ASN B 134 1.70 -33.91 -9.01
CA ASN B 134 0.27 -33.51 -9.17
C ASN B 134 0.01 -32.37 -8.19
N ASP B 135 -0.85 -31.44 -8.57
CA ASP B 135 -1.25 -30.30 -7.69
C ASP B 135 -2.63 -29.83 -8.16
N PRO B 136 -3.72 -30.57 -7.83
CA PRO B 136 -5.05 -30.20 -8.29
C PRO B 136 -5.34 -28.70 -8.06
N THR B 137 -5.19 -28.21 -6.83
CA THR B 137 -5.57 -26.82 -6.47
C THR B 137 -4.64 -25.81 -7.15
N GLY B 138 -3.36 -26.14 -7.26
CA GLY B 138 -2.35 -25.28 -7.84
C GLY B 138 -2.59 -25.16 -9.32
N ILE B 139 -3.00 -26.26 -9.94
CA ILE B 139 -3.25 -26.29 -11.42
C ILE B 139 -4.44 -25.40 -11.70
N GLU B 140 -5.49 -25.47 -10.86
CA GLU B 140 -6.70 -24.62 -11.04
C GLU B 140 -6.29 -23.15 -10.88
N GLN B 141 -5.42 -22.84 -9.92
CA GLN B 141 -5.02 -21.45 -9.69
C GLN B 141 -4.29 -20.94 -10.95
N PHE B 142 -3.30 -21.70 -11.43
CA PHE B 142 -2.51 -21.31 -12.61
C PHE B 142 -3.40 -21.13 -13.83
N ILE B 143 -4.37 -22.03 -14.05
CA ILE B 143 -5.21 -21.93 -15.27
C ILE B 143 -6.07 -20.67 -15.12
N ALA B 144 -6.55 -20.38 -13.91
CA ALA B 144 -7.36 -19.17 -13.66
C ALA B 144 -6.48 -17.93 -13.94
N ASP B 145 -5.21 -17.94 -13.54
CA ASP B 145 -4.29 -16.79 -13.73
C ASP B 145 -4.04 -16.64 -15.22
N PHE B 146 -3.91 -17.75 -15.94
CA PHE B 146 -3.55 -17.78 -17.37
C PHE B 146 -4.76 -17.30 -18.17
N ASP B 147 -5.97 -17.62 -17.72
CA ASP B 147 -7.23 -17.13 -18.33
C ASP B 147 -7.31 -15.60 -18.23
N ALA B 148 -7.21 -15.03 -17.02
CA ALA B 148 -7.24 -13.57 -16.81
C ALA B 148 -6.10 -12.87 -17.60
N TYR B 149 -4.93 -13.49 -17.74
CA TYR B 149 -3.76 -12.97 -18.51
C TYR B 149 -4.11 -12.89 -20.00
N THR B 150 -4.53 -14.01 -20.62
CA THR B 150 -4.88 -14.08 -22.07
C THR B 150 -6.08 -13.15 -22.37
N THR B 151 -7.10 -13.18 -21.53
CA THR B 151 -8.26 -12.25 -21.67
C THR B 151 -7.75 -10.82 -21.73
N SER B 152 -6.92 -10.39 -20.78
CA SER B 152 -6.52 -8.97 -20.63
C SER B 152 -5.78 -8.50 -21.88
N ILE B 153 -4.89 -9.32 -22.45
CA ILE B 153 -4.06 -9.00 -23.65
C ILE B 153 -4.95 -8.97 -24.90
N ILE B 154 -5.88 -9.93 -25.01
CA ILE B 154 -6.83 -10.07 -26.16
C ILE B 154 -7.77 -8.85 -26.17
N GLN B 155 -8.15 -8.31 -25.00
CA GLN B 155 -9.12 -7.19 -24.88
C GLN B 155 -8.41 -5.83 -24.98
N GLU B 156 -7.12 -5.79 -24.68
CA GLU B 156 -6.32 -4.55 -24.82
C GLU B 156 -6.05 -4.33 -26.31
N ALA B 157 -5.81 -5.40 -27.06
CA ALA B 157 -5.49 -5.33 -28.50
C ALA B 157 -6.78 -5.07 -29.32
N ASP B 158 -7.95 -5.15 -28.66
CA ASP B 158 -9.31 -5.03 -29.25
C ASP B 158 -9.87 -3.64 -28.97
N ASP B 159 -9.50 -3.06 -27.83
CA ASP B 159 -9.84 -1.67 -27.41
C ASP B 159 -8.92 -0.70 -28.14
N ARG B 160 -7.70 -1.13 -28.44
CA ARG B 160 -6.64 -0.31 -29.06
C ARG B 160 -7.22 0.44 -30.26
N ALA B 161 -6.56 1.53 -30.68
CA ALA B 161 -7.04 2.52 -31.68
C ALA B 161 -8.26 3.24 -31.09
N SER B 162 -8.11 3.72 -29.85
CA SER B 162 -9.06 4.62 -29.16
C SER B 162 -8.33 5.86 -28.63
N GLY B 163 -9.08 6.95 -28.37
CA GLY B 163 -8.57 8.29 -28.02
C GLY B 163 -8.27 8.47 -26.53
N HIS B 164 -8.73 7.55 -25.67
CA HIS B 164 -8.60 7.66 -24.19
C HIS B 164 -7.13 7.58 -23.76
N ILE B 165 -6.64 8.61 -23.06
CA ILE B 165 -5.41 8.56 -22.21
C ILE B 165 -5.82 7.86 -20.90
N ARG B 166 -5.29 6.66 -20.61
CA ARG B 166 -5.71 5.86 -19.42
C ARG B 166 -5.21 6.54 -18.13
N SER B 167 -6.08 6.62 -17.12
CA SER B 167 -5.74 7.15 -15.78
C SER B 167 -4.78 6.20 -15.10
N VAL B 168 -4.23 6.59 -13.97
CA VAL B 168 -3.26 5.73 -13.22
C VAL B 168 -4.01 4.49 -12.73
N GLU B 169 -5.22 4.65 -12.21
CA GLU B 169 -5.99 3.53 -11.61
C GLU B 169 -6.31 2.51 -12.70
N ASP B 170 -6.75 2.97 -13.87
CA ASP B 170 -7.12 2.07 -14.99
C ASP B 170 -5.85 1.43 -15.57
N TYR B 171 -4.71 2.13 -15.60
CA TYR B 171 -3.43 1.51 -16.00
C TYR B 171 -3.14 0.29 -15.11
N PHE B 172 -3.33 0.38 -13.79
CA PHE B 172 -2.94 -0.70 -12.85
C PHE B 172 -3.93 -1.87 -12.99
N ILE B 173 -5.21 -1.59 -13.06
CA ILE B 173 -6.25 -2.64 -13.18
C ILE B 173 -5.95 -3.49 -14.43
N LEU B 174 -5.56 -2.86 -15.54
CA LEU B 174 -5.20 -3.62 -16.76
C LEU B 174 -3.87 -4.34 -16.56
N ARG B 175 -2.84 -3.64 -16.10
CA ARG B 175 -1.44 -4.13 -16.18
C ARG B 175 -1.24 -5.28 -15.18
N ARG B 176 -1.99 -5.32 -14.10
CA ARG B 176 -1.92 -6.46 -13.16
C ARG B 176 -2.23 -7.78 -13.90
N ASP B 177 -2.99 -7.76 -15.01
CA ASP B 177 -3.26 -9.02 -15.76
C ASP B 177 -2.32 -9.13 -16.94
N THR B 178 -1.97 -8.02 -17.55
CA THR B 178 -1.21 -7.97 -18.82
C THR B 178 0.25 -8.35 -18.61
N CYS B 179 0.88 -7.95 -17.50
CA CYS B 179 2.35 -8.17 -17.31
C CYS B 179 2.71 -9.66 -17.15
N GLY B 180 1.77 -10.56 -16.91
CA GLY B 180 2.02 -12.01 -16.80
C GLY B 180 2.68 -12.38 -15.47
N GLY B 181 2.66 -11.49 -14.48
CA GLY B 181 3.13 -11.79 -13.12
C GLY B 181 2.34 -12.93 -12.51
N LYS B 182 1.02 -12.88 -12.55
CA LYS B 182 0.11 -13.79 -11.80
C LYS B 182 0.29 -15.22 -12.25
N PRO B 183 0.23 -15.53 -13.57
CA PRO B 183 0.49 -16.89 -14.04
C PRO B 183 1.91 -17.38 -13.78
N SER B 184 2.92 -16.50 -13.79
CA SER B 184 4.30 -16.86 -13.43
C SER B 184 4.37 -17.32 -11.96
N PHE B 185 3.78 -16.56 -11.04
CA PHE B 185 3.77 -16.84 -9.59
C PHE B 185 3.08 -18.20 -9.35
N SER B 186 1.92 -18.41 -9.95
CA SER B 186 1.10 -19.60 -9.63
C SER B 186 1.81 -20.81 -10.25
N PHE B 187 2.51 -20.61 -11.35
CA PHE B 187 3.28 -21.70 -12.02
C PHE B 187 4.45 -22.13 -11.11
N PHE B 188 5.24 -21.18 -10.61
CA PHE B 188 6.43 -21.50 -9.77
C PHE B 188 5.99 -22.06 -8.43
N GLY B 189 4.72 -21.88 -8.07
CA GLY B 189 4.09 -22.43 -6.87
C GLY B 189 3.54 -23.83 -7.09
N LEU B 190 3.59 -24.37 -8.31
CA LEU B 190 3.05 -25.73 -8.64
C LEU B 190 3.85 -26.77 -7.86
N GLY B 191 3.16 -27.61 -7.08
CA GLY B 191 3.77 -28.69 -6.28
C GLY B 191 3.56 -28.44 -4.80
N LEU B 192 3.27 -27.20 -4.40
CA LEU B 192 3.16 -26.81 -2.97
C LEU B 192 1.80 -27.24 -2.45
N ASN B 193 0.87 -27.62 -3.32
CA ASN B 193 -0.45 -28.14 -2.88
C ASN B 193 -1.04 -27.20 -1.84
N ILE B 194 -1.18 -25.93 -2.22
CA ILE B 194 -1.81 -24.91 -1.35
C ILE B 194 -3.32 -25.08 -1.47
N PRO B 195 -4.07 -25.06 -0.37
CA PRO B 195 -5.52 -25.17 -0.44
C PRO B 195 -6.23 -24.02 -1.18
N LYS B 196 -7.24 -24.39 -1.96
CA LYS B 196 -8.12 -23.43 -2.67
C LYS B 196 -8.51 -22.25 -1.76
N GLU B 197 -8.83 -22.48 -0.47
CA GLU B 197 -9.26 -21.43 0.50
C GLU B 197 -8.12 -20.44 0.82
N VAL B 198 -6.85 -20.87 0.77
CA VAL B 198 -5.68 -19.98 1.01
C VAL B 198 -5.48 -19.10 -0.24
N PHE B 199 -5.69 -19.62 -1.44
CA PHE B 199 -5.64 -18.78 -2.66
C PHE B 199 -6.72 -17.69 -2.63
N ALA B 200 -7.88 -17.93 -2.02
CA ALA B 200 -9.00 -16.96 -2.04
C ALA B 200 -8.94 -16.05 -0.82
N HIS B 201 -7.99 -16.27 0.10
CA HIS B 201 -7.76 -15.38 1.27
C HIS B 201 -7.33 -13.99 0.79
N PRO B 202 -8.01 -12.90 1.23
CA PRO B 202 -7.74 -11.56 0.71
C PRO B 202 -6.30 -11.06 0.87
N MET B 203 -5.62 -11.55 1.90
CA MET B 203 -4.19 -11.25 2.19
C MET B 203 -3.30 -11.92 1.16
N PHE B 204 -3.65 -13.14 0.73
CA PHE B 204 -2.99 -13.86 -0.39
C PHE B 204 -3.15 -13.03 -1.69
N ILE B 205 -4.35 -12.48 -1.92
CA ILE B 205 -4.69 -11.78 -3.19
C ILE B 205 -3.98 -10.43 -3.21
N SER B 206 -3.94 -9.79 -2.03
CA SER B 206 -3.38 -8.44 -1.77
C SER B 206 -1.86 -8.48 -2.01
N MET B 207 -1.16 -9.44 -1.41
CA MET B 207 0.30 -9.70 -1.62
C MET B 207 0.57 -10.00 -3.09
N THR B 208 -0.28 -10.81 -3.72
CA THR B 208 -0.22 -11.14 -5.16
C THR B 208 -0.34 -9.85 -5.98
N GLU B 209 -1.31 -8.99 -5.66
CA GLU B 209 -1.52 -7.71 -6.38
C GLU B 209 -0.27 -6.80 -6.18
N SER B 210 0.21 -6.68 -4.96
CA SER B 210 1.38 -5.84 -4.63
C SER B 210 2.59 -6.30 -5.48
N ALA B 211 2.85 -7.60 -5.55
CA ALA B 211 4.00 -8.14 -6.32
C ALA B 211 3.79 -7.93 -7.83
N THR B 212 2.56 -7.98 -8.28
CA THR B 212 2.29 -7.75 -9.71
C THR B 212 2.55 -6.29 -10.08
N ASP B 213 2.12 -5.32 -9.27
CA ASP B 213 2.39 -3.88 -9.50
C ASP B 213 3.89 -3.67 -9.65
N LEU B 214 4.69 -4.33 -8.82
CA LEU B 214 6.16 -4.20 -8.87
C LEU B 214 6.67 -4.73 -10.21
N ILE B 215 6.12 -5.83 -10.70
CA ILE B 215 6.54 -6.37 -12.03
C ILE B 215 6.16 -5.39 -13.14
N ALA B 216 4.93 -4.85 -13.09
CA ALA B 216 4.42 -3.91 -14.11
C ALA B 216 5.29 -2.63 -14.10
N ILE B 217 5.53 -2.02 -12.94
CA ILE B 217 6.17 -0.67 -12.86
C ILE B 217 7.68 -0.78 -13.08
N THR B 218 8.33 -1.88 -12.70
CA THR B 218 9.79 -2.05 -12.97
C THR B 218 9.97 -2.18 -14.48
N ASN B 219 9.16 -3.02 -15.12
CA ASN B 219 9.18 -3.22 -16.60
C ASN B 219 8.97 -1.89 -17.34
N ASP B 220 7.98 -1.08 -16.96
CA ASP B 220 7.70 0.20 -17.62
C ASP B 220 8.87 1.14 -17.39
N MET B 221 9.35 1.26 -16.15
CA MET B 221 10.46 2.19 -15.83
C MET B 221 11.70 1.79 -16.64
N HIS B 222 11.97 0.50 -16.76
CA HIS B 222 13.19 -0.02 -17.44
C HIS B 222 13.00 -0.01 -18.97
N SER B 223 11.77 0.15 -19.46
CA SER B 223 11.54 0.17 -20.93
C SER B 223 11.15 1.58 -21.39
N TYR B 224 11.05 2.55 -20.48
CA TYR B 224 10.44 3.88 -20.78
C TYR B 224 11.33 4.66 -21.73
N ASN B 225 12.65 4.57 -21.52
CA ASN B 225 13.65 5.26 -22.39
C ASN B 225 13.52 4.69 -23.81
N LEU B 226 13.48 3.37 -23.96
CA LEU B 226 13.31 2.69 -25.29
C LEU B 226 12.00 3.18 -25.91
N GLU B 227 10.90 3.01 -25.16
CA GLU B 227 9.50 3.27 -25.58
C GLU B 227 9.36 4.73 -26.10
N GLN B 228 10.04 5.69 -25.48
CA GLN B 228 9.91 7.16 -25.78
C GLN B 228 11.00 7.57 -26.79
N SER B 229 12.12 6.84 -26.87
CA SER B 229 13.17 7.02 -27.91
C SER B 229 12.59 6.70 -29.29
N ARG B 230 11.34 6.23 -29.32
CA ARG B 230 10.60 5.78 -30.53
C ARG B 230 9.19 6.40 -30.59
N GLY B 231 8.82 7.33 -29.70
CA GLY B 231 7.50 8.00 -29.69
C GLY B 231 7.26 8.80 -28.43
N LEU B 232 6.16 8.52 -27.71
CA LEU B 232 5.89 9.01 -26.33
C LEU B 232 5.37 7.89 -25.43
N ASP B 233 5.01 6.72 -26.00
CA ASP B 233 4.53 5.48 -25.31
C ASP B 233 3.39 5.83 -24.35
N GLY B 234 2.18 5.97 -24.89
CA GLY B 234 1.00 6.44 -24.16
C GLY B 234 0.45 5.39 -23.22
N HIS B 235 1.05 4.19 -23.19
CA HIS B 235 0.57 3.02 -22.38
C HIS B 235 1.53 2.75 -21.21
N ASN B 236 2.55 3.60 -21.00
CA ASN B 236 3.50 3.49 -19.88
C ASN B 236 2.90 4.14 -18.63
N VAL B 237 3.24 3.62 -17.45
CA VAL B 237 2.75 4.16 -16.16
C VAL B 237 3.34 5.58 -16.00
N ILE B 238 4.53 5.83 -16.52
CA ILE B 238 5.17 7.17 -16.40
C ILE B 238 4.31 8.19 -17.16
N THR B 239 3.81 7.81 -18.34
CA THR B 239 2.95 8.70 -19.15
C THR B 239 1.67 8.98 -18.38
N ALA B 240 1.05 7.95 -17.80
CA ALA B 240 -0.21 8.10 -17.04
C ALA B 240 0.01 9.07 -15.86
N ILE B 241 1.11 8.95 -15.14
CA ILE B 241 1.44 9.79 -13.94
C ILE B 241 1.69 11.24 -14.38
N MET B 242 2.52 11.45 -15.40
CA MET B 242 2.79 12.84 -15.86
C MET B 242 1.47 13.51 -16.27
N HIS B 243 0.66 12.80 -17.05
CA HIS B 243 -0.63 13.35 -17.55
C HIS B 243 -1.49 13.66 -16.32
N GLU B 244 -1.72 12.68 -15.46
CA GLU B 244 -2.73 12.80 -14.38
C GLU B 244 -2.28 13.80 -13.33
N TYR B 245 -1.01 13.95 -13.04
CA TYR B 245 -0.54 14.79 -11.90
C TYR B 245 0.10 16.08 -12.41
N LYS B 246 0.21 16.24 -13.74
CA LYS B 246 0.72 17.45 -14.43
C LYS B 246 2.13 17.74 -13.94
N ILE B 247 2.96 16.71 -13.89
CA ILE B 247 4.38 16.80 -13.42
C ILE B 247 5.26 16.30 -14.55
N ASN B 248 6.54 16.68 -14.57
CA ASN B 248 7.50 16.24 -15.60
C ASN B 248 8.00 14.82 -15.28
N LEU B 249 8.79 14.27 -16.20
CA LEU B 249 9.42 12.93 -16.13
C LEU B 249 10.12 12.74 -14.78
N GLN B 250 11.03 13.65 -14.41
CA GLN B 250 11.77 13.55 -13.13
C GLN B 250 10.74 13.37 -12.00
N GLY B 251 9.68 14.17 -12.00
CA GLY B 251 8.64 14.15 -10.96
C GLY B 251 7.99 12.78 -10.90
N ALA B 252 7.59 12.24 -12.05
CA ALA B 252 6.89 10.94 -12.17
C ALA B 252 7.78 9.81 -11.63
N LEU B 253 9.11 9.92 -11.76
CA LEU B 253 10.03 8.86 -11.29
C LEU B 253 10.14 8.91 -9.77
N TYR B 254 10.17 10.10 -9.18
CA TYR B 254 10.16 10.24 -7.70
C TYR B 254 8.84 9.68 -7.15
N TRP B 255 7.78 9.91 -7.91
CA TRP B 255 6.41 9.50 -7.56
C TRP B 255 6.40 7.98 -7.48
N LEU B 256 6.96 7.31 -8.49
CA LEU B 256 7.02 5.84 -8.58
C LEU B 256 7.82 5.31 -7.39
N SER B 257 8.97 5.90 -7.09
CA SER B 257 9.81 5.50 -5.95
C SER B 257 8.95 5.46 -4.66
N GLY B 258 8.12 6.47 -4.43
CA GLY B 258 7.24 6.51 -3.23
C GLY B 258 6.17 5.44 -3.31
N TYR B 259 5.57 5.27 -4.50
CA TYR B 259 4.52 4.25 -4.77
C TYR B 259 5.08 2.84 -4.57
N ALA B 260 6.30 2.61 -5.03
CA ALA B 260 6.97 1.30 -4.88
C ALA B 260 7.24 1.05 -3.40
N THR B 261 7.69 2.07 -2.68
CA THR B 261 8.12 1.91 -1.28
C THR B 261 6.93 1.42 -0.46
N LYS B 262 5.76 2.03 -0.66
CA LYS B 262 4.54 1.68 0.08
C LYS B 262 4.12 0.27 -0.32
N THR B 263 4.19 -0.06 -1.61
CA THR B 263 3.74 -1.36 -2.14
C THR B 263 4.56 -2.49 -1.49
N ILE B 264 5.88 -2.34 -1.49
CA ILE B 264 6.84 -3.31 -0.91
C ILE B 264 6.56 -3.46 0.57
N ALA B 265 6.44 -2.35 1.30
CA ALA B 265 6.23 -2.36 2.77
C ALA B 265 4.93 -3.09 3.12
N LYS B 266 3.89 -2.98 2.30
CA LYS B 266 2.59 -3.66 2.53
C LYS B 266 2.72 -5.15 2.17
N PHE B 267 3.54 -5.49 1.18
CA PHE B 267 3.83 -6.91 0.83
C PHE B 267 4.45 -7.57 2.06
N ILE B 268 5.45 -6.93 2.66
CA ILE B 268 6.23 -7.55 3.78
C ILE B 268 5.37 -7.60 5.04
N SER B 269 4.68 -6.51 5.36
CA SER B 269 3.72 -6.45 6.49
C SER B 269 2.65 -7.56 6.33
N ASP B 270 2.04 -7.70 5.16
CA ASP B 270 0.98 -8.70 4.88
C ASP B 270 1.54 -10.11 5.09
N ARG B 271 2.77 -10.36 4.62
CA ARG B 271 3.42 -11.68 4.81
C ARG B 271 3.50 -12.02 6.31
N LYS B 272 4.00 -11.08 7.11
CA LYS B 272 4.21 -11.21 8.59
C LYS B 272 2.87 -11.39 9.30
N ASN B 273 1.73 -10.99 8.70
CA ASN B 273 0.37 -11.05 9.35
C ASN B 273 -0.56 -12.07 8.70
N LEU B 274 -0.06 -12.95 7.84
CA LEU B 274 -0.91 -14.02 7.29
C LEU B 274 -1.49 -14.80 8.46
N PRO B 275 -2.73 -15.34 8.36
CA PRO B 275 -3.21 -16.32 9.34
C PRO B 275 -2.43 -17.62 9.19
N SER B 276 -2.49 -18.46 10.22
CA SER B 276 -1.94 -19.83 10.23
C SER B 276 -3.04 -20.77 9.77
N TRP B 277 -2.66 -21.79 9.00
CA TRP B 277 -3.51 -22.91 8.51
C TRP B 277 -2.86 -24.25 8.88
N GLY B 278 -1.98 -24.25 9.90
CA GLY B 278 -1.27 -25.44 10.39
C GLY B 278 0.16 -25.47 9.90
N PRO B 279 0.99 -26.42 10.37
CA PRO B 279 2.41 -26.43 10.02
C PRO B 279 2.71 -26.70 8.54
N VAL B 280 1.88 -27.51 7.87
CA VAL B 280 2.17 -28.04 6.50
C VAL B 280 1.92 -26.91 5.49
N VAL B 281 0.78 -26.20 5.63
CA VAL B 281 0.29 -25.13 4.71
C VAL B 281 1.17 -23.88 4.91
N ASP B 282 1.39 -23.50 6.16
CA ASP B 282 2.30 -22.39 6.53
C ASP B 282 3.65 -22.58 5.83
N ARG B 283 4.26 -23.78 5.85
CA ARG B 283 5.58 -23.97 5.17
C ARG B 283 5.37 -23.73 3.68
N ALA B 284 4.18 -24.07 3.17
CA ALA B 284 3.84 -24.01 1.73
C ALA B 284 3.78 -22.54 1.32
N VAL B 285 3.05 -21.76 2.11
CA VAL B 285 2.79 -20.32 1.87
C VAL B 285 4.10 -19.54 2.10
N GLU B 286 4.95 -19.99 3.02
CA GLU B 286 6.25 -19.33 3.26
C GLU B 286 7.05 -19.50 1.97
N GLN B 287 7.04 -20.72 1.42
CA GLN B 287 7.84 -21.06 0.21
C GLN B 287 7.23 -20.33 -0.99
N TYR B 288 5.91 -20.22 -1.07
CA TYR B 288 5.20 -19.64 -2.23
C TYR B 288 5.71 -18.20 -2.42
N PHE B 289 5.67 -17.37 -1.37
CA PHE B 289 6.01 -15.92 -1.44
C PHE B 289 7.53 -15.72 -1.47
N ASP B 290 8.32 -16.65 -0.90
CA ASP B 290 9.78 -16.69 -1.16
C ASP B 290 10.01 -16.77 -2.67
N ARG B 291 9.27 -17.61 -3.37
CA ARG B 291 9.43 -17.78 -4.84
C ARG B 291 8.94 -16.53 -5.57
N VAL B 292 7.81 -15.95 -5.12
CA VAL B 292 7.30 -14.66 -5.66
C VAL B 292 8.40 -13.59 -5.48
N GLY B 293 9.05 -13.56 -4.32
CA GLY B 293 10.15 -12.63 -4.05
C GLY B 293 11.25 -12.75 -5.09
N ARG B 294 11.65 -13.98 -5.38
CA ARG B 294 12.74 -14.26 -6.32
C ARG B 294 12.24 -13.86 -7.71
N CYS B 295 10.97 -14.14 -7.99
CA CYS B 295 10.37 -13.83 -9.30
C CYS B 295 10.36 -12.32 -9.60
N VAL B 296 10.02 -11.51 -8.61
CA VAL B 296 9.91 -10.03 -8.78
C VAL B 296 11.32 -9.49 -9.02
N ARG B 297 12.29 -9.95 -8.24
CA ARG B 297 13.69 -9.47 -8.33
C ARG B 297 14.23 -9.88 -9.69
N GLY B 298 14.05 -11.16 -10.04
CA GLY B 298 14.46 -11.74 -11.33
C GLY B 298 13.91 -11.00 -12.53
N TYR B 299 12.62 -10.61 -12.55
CA TYR B 299 11.99 -9.82 -13.63
C TYR B 299 12.70 -8.46 -13.70
N ASP B 300 12.85 -7.77 -12.57
CA ASP B 300 13.52 -6.45 -12.50
C ASP B 300 14.93 -6.58 -13.06
N ALA B 301 15.66 -7.63 -12.67
CA ALA B 301 17.05 -7.85 -13.12
C ALA B 301 17.06 -7.90 -14.66
N TRP B 302 16.38 -8.90 -15.22
CA TRP B 302 16.26 -9.17 -16.67
C TRP B 302 15.82 -7.90 -17.43
N SER B 303 14.77 -7.19 -16.98
CA SER B 303 14.13 -6.06 -17.71
C SER B 303 14.96 -4.77 -17.65
N TYR B 304 15.87 -4.66 -16.68
CA TYR B 304 16.89 -3.58 -16.64
C TYR B 304 17.99 -3.88 -17.67
N GLU B 305 18.43 -5.14 -17.73
CA GLU B 305 19.57 -5.57 -18.58
C GLU B 305 19.15 -5.59 -20.06
N THR B 306 17.90 -5.97 -20.38
CA THR B 306 17.39 -6.18 -21.77
C THR B 306 17.08 -4.83 -22.46
N LYS B 307 16.18 -4.02 -21.87
CA LYS B 307 15.47 -2.90 -22.53
C LYS B 307 16.39 -1.67 -22.68
N ARG B 308 17.45 -1.60 -21.88
CA ARG B 308 18.54 -0.60 -22.01
C ARG B 308 19.77 -1.11 -21.27
N TYR B 309 20.70 -1.75 -21.99
CA TYR B 309 21.84 -2.54 -21.43
C TYR B 309 22.72 -1.64 -20.56
N TYR B 310 23.65 -0.89 -21.17
CA TYR B 310 24.58 0.10 -20.55
C TYR B 310 25.02 -0.40 -19.15
N GLY B 311 25.02 0.47 -18.13
CA GLY B 311 25.41 0.16 -16.74
C GLY B 311 24.61 0.97 -15.73
N LYS B 312 24.99 0.93 -14.43
CA LYS B 312 24.31 1.67 -13.33
C LYS B 312 25.21 2.79 -12.80
N ASN B 313 25.09 4.01 -13.34
CA ASN B 313 25.79 5.24 -12.85
C ASN B 313 24.80 6.08 -12.02
N GLY B 314 23.50 6.05 -12.37
CA GLY B 314 22.39 6.74 -11.68
C GLY B 314 21.61 7.65 -12.62
N LEU B 315 22.32 8.51 -13.38
CA LEU B 315 21.81 9.63 -14.22
C LEU B 315 21.85 9.23 -15.70
N GLU B 316 20.87 9.68 -16.50
CA GLU B 316 20.79 9.47 -17.98
C GLU B 316 19.95 10.60 -18.60
N ILE B 317 20.55 11.78 -18.83
CA ILE B 317 19.88 12.99 -19.42
C ILE B 317 19.51 12.68 -20.88
N GLN B 318 18.23 12.35 -21.11
CA GLN B 318 17.65 11.99 -22.43
C GLN B 318 16.57 13.01 -22.79
#